data_1R4H
# 
_entry.id   1R4H 
# 
_audit_conform.dict_name       mmcif_pdbx.dic 
_audit_conform.dict_version    5.392 
_audit_conform.dict_location   http://mmcif.pdb.org/dictionaries/ascii/mmcif_pdbx.dic 
# 
loop_
_database_2.database_id 
_database_2.database_code 
_database_2.pdbx_database_accession 
_database_2.pdbx_DOI 
PDB   1R4H         pdb_00001r4h 10.2210/pdb1r4h/pdb 
RCSB  RCSB020425   ?            ?                   
WWPDB D_1000020425 ?            ?                   
# 
loop_
_pdbx_audit_revision_history.ordinal 
_pdbx_audit_revision_history.data_content_type 
_pdbx_audit_revision_history.major_revision 
_pdbx_audit_revision_history.minor_revision 
_pdbx_audit_revision_history.revision_date 
1 'Structure model' 1 0 2004-10-19 
2 'Structure model' 1 1 2008-04-29 
3 'Structure model' 1 2 2011-07-13 
4 'Structure model' 1 3 2022-03-02 
5 'Structure model' 1 4 2024-05-22 
# 
_pdbx_audit_revision_details.ordinal             1 
_pdbx_audit_revision_details.revision_ordinal    1 
_pdbx_audit_revision_details.data_content_type   'Structure model' 
_pdbx_audit_revision_details.provider            repository 
_pdbx_audit_revision_details.type                'Initial release' 
_pdbx_audit_revision_details.description         ? 
_pdbx_audit_revision_details.details             ? 
# 
loop_
_pdbx_audit_revision_group.ordinal 
_pdbx_audit_revision_group.revision_ordinal 
_pdbx_audit_revision_group.data_content_type 
_pdbx_audit_revision_group.group 
1 2 'Structure model' 'Version format compliance' 
2 3 'Structure model' 'Version format compliance' 
3 4 'Structure model' 'Data collection'           
4 4 'Structure model' 'Database references'       
5 4 'Structure model' 'Derived calculations'      
6 5 'Structure model' 'Data collection'           
# 
loop_
_pdbx_audit_revision_category.ordinal 
_pdbx_audit_revision_category.revision_ordinal 
_pdbx_audit_revision_category.data_content_type 
_pdbx_audit_revision_category.category 
1 4 'Structure model' database_2            
2 4 'Structure model' pdbx_nmr_software     
3 4 'Structure model' pdbx_struct_assembly  
4 4 'Structure model' pdbx_struct_oper_list 
5 5 'Structure model' chem_comp_atom        
6 5 'Structure model' chem_comp_bond        
# 
loop_
_pdbx_audit_revision_item.ordinal 
_pdbx_audit_revision_item.revision_ordinal 
_pdbx_audit_revision_item.data_content_type 
_pdbx_audit_revision_item.item 
1 4 'Structure model' '_database_2.pdbx_DOI'                
2 4 'Structure model' '_database_2.pdbx_database_accession' 
3 4 'Structure model' '_pdbx_nmr_software.name'             
# 
_pdbx_database_status.status_code                     REL 
_pdbx_database_status.entry_id                        1R4H 
_pdbx_database_status.recvd_initial_deposition_date   2003-10-06 
_pdbx_database_status.deposit_site                    RCSB 
_pdbx_database_status.process_site                    RCSB 
_pdbx_database_status.status_code_sf                  ? 
_pdbx_database_status.status_code_mr                  REL 
_pdbx_database_status.SG_entry                        ? 
_pdbx_database_status.pdb_format_compatible           Y 
_pdbx_database_status.status_code_cs                  ? 
_pdbx_database_status.status_code_nmr_data            ? 
_pdbx_database_status.methods_development_category    ? 
# 
loop_
_audit_author.name 
_audit_author.pdbx_ordinal 
'Kaluarachchi, K.'  1 
'Thiviyanathan, V.' 2 
'Rijinbrand, R.'    3 
'Lemon, S.M.'       4 
'Gorenstein, D.G.'  5 
# 
_citation.id                        primary 
_citation.title                     
'Mutational and structural analysis of stem-loop IIIC of the hepatitis C virus and GB virus B internal ribosome entry sites.' 
_citation.journal_abbrev            J.Mol.Biol. 
_citation.journal_volume            343 
_citation.page_first                805 
_citation.page_last                 817 
_citation.year                      2004 
_citation.journal_id_ASTM           JMOBAK 
_citation.country                   UK 
_citation.journal_id_ISSN           0022-2836 
_citation.journal_id_CSD            0070 
_citation.book_publisher            ? 
_citation.pdbx_database_id_PubMed   15476802 
_citation.pdbx_database_id_DOI      10.1016/j.jmb.2004.08.095 
# 
loop_
_citation_author.citation_id 
_citation_author.name 
_citation_author.ordinal 
_citation_author.identifier_ORCID 
primary 'Rijnbrand, R.'     1 ? 
primary 'Thiviyanathan, V.' 2 ? 
primary 'Kaluarachchi, K.'  3 ? 
primary 'Lemon, S.M.'       4 ? 
primary 'Gorenstein, D.G.'  5 ? 
# 
_entity.id                         1 
_entity.type                       polymer 
_entity.src_method                 syn 
_entity.pdbx_description           "5'-R(*GP*GP*GP*CP*AP*AP*GP*CP*CP*C)-3'" 
_entity.formula_weight             3215.005 
_entity.pdbx_number_of_molecules   1 
_entity.pdbx_ec                    ? 
_entity.pdbx_mutation              ? 
_entity.pdbx_fragment              ? 
_entity.details                    ? 
# 
_entity_poly.entity_id                      1 
_entity_poly.type                           polyribonucleotide 
_entity_poly.nstd_linkage                   no 
_entity_poly.nstd_monomer                   no 
_entity_poly.pdbx_seq_one_letter_code       GGGCAAGCCC 
_entity_poly.pdbx_seq_one_letter_code_can   GGGCAAGCCC 
_entity_poly.pdbx_strand_id                 A 
_entity_poly.pdbx_target_identifier         ? 
# 
loop_
_entity_poly_seq.entity_id 
_entity_poly_seq.num 
_entity_poly_seq.mon_id 
_entity_poly_seq.hetero 
1 1  G n 
1 2  G n 
1 3  G n 
1 4  C n 
1 5  A n 
1 6  A n 
1 7  G n 
1 8  C n 
1 9  C n 
1 10 C n 
# 
_pdbx_entity_src_syn.entity_id              1 
_pdbx_entity_src_syn.pdbx_src_id            1 
_pdbx_entity_src_syn.pdbx_alt_source_flag   sample 
_pdbx_entity_src_syn.pdbx_beg_seq_num       ? 
_pdbx_entity_src_syn.pdbx_end_seq_num       ? 
_pdbx_entity_src_syn.organism_scientific    ? 
_pdbx_entity_src_syn.organism_common_name   ? 
_pdbx_entity_src_syn.ncbi_taxonomy_id       ? 
_pdbx_entity_src_syn.details                
'The SEQUENCE OCCURS NATURALLY IN GB Virus B AND WAS SYNTHESIZED In vitro trancription using T7 RNA Polymerase.' 
# 
loop_
_chem_comp.id 
_chem_comp.type 
_chem_comp.mon_nstd_flag 
_chem_comp.name 
_chem_comp.pdbx_synonyms 
_chem_comp.formula 
_chem_comp.formula_weight 
A 'RNA linking' y "ADENOSINE-5'-MONOPHOSPHATE" ? 'C10 H14 N5 O7 P' 347.221 
C 'RNA linking' y "CYTIDINE-5'-MONOPHOSPHATE"  ? 'C9 H14 N3 O8 P'  323.197 
G 'RNA linking' y "GUANOSINE-5'-MONOPHOSPHATE" ? 'C10 H14 N5 O8 P' 363.221 
# 
loop_
_pdbx_poly_seq_scheme.asym_id 
_pdbx_poly_seq_scheme.entity_id 
_pdbx_poly_seq_scheme.seq_id 
_pdbx_poly_seq_scheme.mon_id 
_pdbx_poly_seq_scheme.ndb_seq_num 
_pdbx_poly_seq_scheme.pdb_seq_num 
_pdbx_poly_seq_scheme.auth_seq_num 
_pdbx_poly_seq_scheme.pdb_mon_id 
_pdbx_poly_seq_scheme.auth_mon_id 
_pdbx_poly_seq_scheme.pdb_strand_id 
_pdbx_poly_seq_scheme.pdb_ins_code 
_pdbx_poly_seq_scheme.hetero 
A 1 1  G 1  1  1  G GUA A . n 
A 1 2  G 2  2  2  G GUA A . n 
A 1 3  G 3  3  3  G GUA A . n 
A 1 4  C 4  4  4  C CYT A . n 
A 1 5  A 5  5  5  A ADE A . n 
A 1 6  A 6  6  6  A ADE A . n 
A 1 7  G 7  7  7  G GUA A . n 
A 1 8  C 8  8  8  C CYT A . n 
A 1 9  C 9  9  9  C CYT A . n 
A 1 10 C 10 10 10 C CYT A . n 
# 
_exptl.entry_id          1R4H 
_exptl.method            'SOLUTION NMR' 
_exptl.crystals_number   ? 
# 
_exptl_crystal.id                    1 
_exptl_crystal.density_meas          ? 
_exptl_crystal.density_Matthews      ? 
_exptl_crystal.density_percent_sol   ? 
_exptl_crystal.description           ? 
# 
_diffrn.id                     1 
_diffrn.ambient_temp           ? 
_diffrn.ambient_temp_details   ? 
_diffrn.crystal_id             1 
# 
_diffrn_radiation.diffrn_id                        1 
_diffrn_radiation.wavelength_id                    1 
_diffrn_radiation.pdbx_monochromatic_or_laue_m_l   M 
_diffrn_radiation.monochromator                    ? 
_diffrn_radiation.pdbx_diffrn_protocol             'SINGLE WAVELENGTH' 
_diffrn_radiation.pdbx_scattering_type             ? 
# 
_diffrn_radiation_wavelength.id           1 
_diffrn_radiation_wavelength.wavelength   . 
_diffrn_radiation_wavelength.wt           1.0 
# 
_struct.entry_id                  1R4H 
_struct.title                     'NMR Solution structure of the IIIc domain of GB Virus B IRES Element' 
_struct.pdbx_model_details        ? 
_struct.pdbx_CASP_flag            ? 
_struct.pdbx_model_type_details   'minimized average' 
# 
_struct_keywords.entry_id        1R4H 
_struct_keywords.pdbx_keywords   RNA 
_struct_keywords.text            'GB Virus B, IRES, HAIRPIN Loop, RNA' 
# 
_struct_asym.id                            A 
_struct_asym.pdbx_blank_PDB_chainid_flag   N 
_struct_asym.pdbx_modified                 N 
_struct_asym.entity_id                     1 
_struct_asym.details                       ? 
# 
_struct_ref.id                         1 
_struct_ref.entity_id                  1 
_struct_ref.db_name                    PDB 
_struct_ref.db_code                    1R4H 
_struct_ref.pdbx_db_accession          1R4H 
_struct_ref.pdbx_db_isoform            ? 
_struct_ref.pdbx_seq_one_letter_code   ? 
_struct_ref.pdbx_align_begin           ? 
# 
_struct_ref_seq.align_id                      1 
_struct_ref_seq.ref_id                        1 
_struct_ref_seq.pdbx_PDB_id_code              1R4H 
_struct_ref_seq.pdbx_strand_id                A 
_struct_ref_seq.seq_align_beg                 1 
_struct_ref_seq.pdbx_seq_align_beg_ins_code   ? 
_struct_ref_seq.seq_align_end                 10 
_struct_ref_seq.pdbx_seq_align_end_ins_code   ? 
_struct_ref_seq.pdbx_db_accession             1R4H 
_struct_ref_seq.db_align_beg                  1 
_struct_ref_seq.pdbx_db_align_beg_ins_code    ? 
_struct_ref_seq.db_align_end                  10 
_struct_ref_seq.pdbx_db_align_end_ins_code    ? 
_struct_ref_seq.pdbx_auth_seq_align_beg       1 
_struct_ref_seq.pdbx_auth_seq_align_end       10 
# 
_pdbx_struct_assembly.id                   1 
_pdbx_struct_assembly.details              author_defined_assembly 
_pdbx_struct_assembly.method_details       ? 
_pdbx_struct_assembly.oligomeric_details   monomeric 
_pdbx_struct_assembly.oligomeric_count     1 
# 
_pdbx_struct_assembly_gen.assembly_id       1 
_pdbx_struct_assembly_gen.oper_expression   1 
_pdbx_struct_assembly_gen.asym_id_list      A 
# 
_pdbx_struct_oper_list.id                   1 
_pdbx_struct_oper_list.type                 'identity operation' 
_pdbx_struct_oper_list.name                 1_555 
_pdbx_struct_oper_list.symmetry_operation   x,y,z 
_pdbx_struct_oper_list.matrix[1][1]         1.0000000000 
_pdbx_struct_oper_list.matrix[1][2]         0.0000000000 
_pdbx_struct_oper_list.matrix[1][3]         0.0000000000 
_pdbx_struct_oper_list.vector[1]            0.0000000000 
_pdbx_struct_oper_list.matrix[2][1]         0.0000000000 
_pdbx_struct_oper_list.matrix[2][2]         1.0000000000 
_pdbx_struct_oper_list.matrix[2][3]         0.0000000000 
_pdbx_struct_oper_list.vector[2]            0.0000000000 
_pdbx_struct_oper_list.matrix[3][1]         0.0000000000 
_pdbx_struct_oper_list.matrix[3][2]         0.0000000000 
_pdbx_struct_oper_list.matrix[3][3]         1.0000000000 
_pdbx_struct_oper_list.vector[3]            0.0000000000 
# 
_struct_biol.id   1 
# 
loop_
_struct_conn.id 
_struct_conn.conn_type_id 
_struct_conn.pdbx_leaving_atom_flag 
_struct_conn.pdbx_PDB_id 
_struct_conn.ptnr1_label_asym_id 
_struct_conn.ptnr1_label_comp_id 
_struct_conn.ptnr1_label_seq_id 
_struct_conn.ptnr1_label_atom_id 
_struct_conn.pdbx_ptnr1_label_alt_id 
_struct_conn.pdbx_ptnr1_PDB_ins_code 
_struct_conn.pdbx_ptnr1_standard_comp_id 
_struct_conn.ptnr1_symmetry 
_struct_conn.ptnr2_label_asym_id 
_struct_conn.ptnr2_label_comp_id 
_struct_conn.ptnr2_label_seq_id 
_struct_conn.ptnr2_label_atom_id 
_struct_conn.pdbx_ptnr2_label_alt_id 
_struct_conn.pdbx_ptnr2_PDB_ins_code 
_struct_conn.ptnr1_auth_asym_id 
_struct_conn.ptnr1_auth_comp_id 
_struct_conn.ptnr1_auth_seq_id 
_struct_conn.ptnr2_auth_asym_id 
_struct_conn.ptnr2_auth_comp_id 
_struct_conn.ptnr2_auth_seq_id 
_struct_conn.ptnr2_symmetry 
_struct_conn.pdbx_ptnr3_label_atom_id 
_struct_conn.pdbx_ptnr3_label_seq_id 
_struct_conn.pdbx_ptnr3_label_comp_id 
_struct_conn.pdbx_ptnr3_label_asym_id 
_struct_conn.pdbx_ptnr3_label_alt_id 
_struct_conn.pdbx_ptnr3_PDB_ins_code 
_struct_conn.details 
_struct_conn.pdbx_dist_value 
_struct_conn.pdbx_value_order 
_struct_conn.pdbx_role 
hydrog1 hydrog ? ? A G 2 N1 ? ? ? 1_555 A C 9 N3 ? ? A G 2 A C 9 1_555 ? ? ? ? ? ? WATSON-CRICK ? ? ? 
hydrog2 hydrog ? ? A G 2 N2 ? ? ? 1_555 A C 9 O2 ? ? A G 2 A C 9 1_555 ? ? ? ? ? ? WATSON-CRICK ? ? ? 
hydrog3 hydrog ? ? A G 2 O6 ? ? ? 1_555 A C 9 N4 ? ? A G 2 A C 9 1_555 ? ? ? ? ? ? WATSON-CRICK ? ? ? 
hydrog4 hydrog ? ? A G 3 N1 ? ? ? 1_555 A C 8 N3 ? ? A G 3 A C 8 1_555 ? ? ? ? ? ? WATSON-CRICK ? ? ? 
hydrog5 hydrog ? ? A G 3 N2 ? ? ? 1_555 A C 8 O2 ? ? A G 3 A C 8 1_555 ? ? ? ? ? ? WATSON-CRICK ? ? ? 
hydrog6 hydrog ? ? A G 3 O6 ? ? ? 1_555 A C 8 N4 ? ? A G 3 A C 8 1_555 ? ? ? ? ? ? WATSON-CRICK ? ? ? 
hydrog7 hydrog ? ? A C 4 N3 ? ? ? 1_555 A G 7 N1 ? ? A C 4 A G 7 1_555 ? ? ? ? ? ? WATSON-CRICK ? ? ? 
hydrog8 hydrog ? ? A C 4 N4 ? ? ? 1_555 A G 7 O6 ? ? A C 4 A G 7 1_555 ? ? ? ? ? ? WATSON-CRICK ? ? ? 
hydrog9 hydrog ? ? A C 4 O2 ? ? ? 1_555 A G 7 N2 ? ? A C 4 A G 7 1_555 ? ? ? ? ? ? WATSON-CRICK ? ? ? 
# 
_struct_conn_type.id          hydrog 
_struct_conn_type.criteria    ? 
_struct_conn_type.reference   ? 
# 
loop_
_pdbx_validate_close_contact.id 
_pdbx_validate_close_contact.PDB_model_num 
_pdbx_validate_close_contact.auth_atom_id_1 
_pdbx_validate_close_contact.auth_asym_id_1 
_pdbx_validate_close_contact.auth_comp_id_1 
_pdbx_validate_close_contact.auth_seq_id_1 
_pdbx_validate_close_contact.PDB_ins_code_1 
_pdbx_validate_close_contact.label_alt_id_1 
_pdbx_validate_close_contact.auth_atom_id_2 
_pdbx_validate_close_contact.auth_asym_id_2 
_pdbx_validate_close_contact.auth_comp_id_2 
_pdbx_validate_close_contact.auth_seq_id_2 
_pdbx_validate_close_contact.PDB_ins_code_2 
_pdbx_validate_close_contact.label_alt_id_2 
_pdbx_validate_close_contact.dist 
1 1 "H1'" A A 5 ? ? "H5'" A A 6 ? ? 1.12 
2 1 H41   A C 4 ? ? O6    A G 7 ? ? 1.40 
# 
loop_
_pdbx_validate_rmsd_angle.id 
_pdbx_validate_rmsd_angle.PDB_model_num 
_pdbx_validate_rmsd_angle.auth_atom_id_1 
_pdbx_validate_rmsd_angle.auth_asym_id_1 
_pdbx_validate_rmsd_angle.auth_comp_id_1 
_pdbx_validate_rmsd_angle.auth_seq_id_1 
_pdbx_validate_rmsd_angle.PDB_ins_code_1 
_pdbx_validate_rmsd_angle.label_alt_id_1 
_pdbx_validate_rmsd_angle.auth_atom_id_2 
_pdbx_validate_rmsd_angle.auth_asym_id_2 
_pdbx_validate_rmsd_angle.auth_comp_id_2 
_pdbx_validate_rmsd_angle.auth_seq_id_2 
_pdbx_validate_rmsd_angle.PDB_ins_code_2 
_pdbx_validate_rmsd_angle.label_alt_id_2 
_pdbx_validate_rmsd_angle.auth_atom_id_3 
_pdbx_validate_rmsd_angle.auth_asym_id_3 
_pdbx_validate_rmsd_angle.auth_comp_id_3 
_pdbx_validate_rmsd_angle.auth_seq_id_3 
_pdbx_validate_rmsd_angle.PDB_ins_code_3 
_pdbx_validate_rmsd_angle.label_alt_id_3 
_pdbx_validate_rmsd_angle.angle_value 
_pdbx_validate_rmsd_angle.angle_target_value 
_pdbx_validate_rmsd_angle.angle_deviation 
_pdbx_validate_rmsd_angle.angle_standard_deviation 
_pdbx_validate_rmsd_angle.linker_flag 
1  1 N7 A G 1 ? ? C8 A G 1 ? ? N9 A G 1 ? ? 117.54 113.10 4.44  0.50 N 
2  1 C8 A G 1 ? ? N9 A G 1 ? ? C4 A G 1 ? ? 103.51 106.40 -2.89 0.40 N 
3  1 N7 A G 2 ? ? C8 A G 2 ? ? N9 A G 2 ? ? 117.61 113.10 4.51  0.50 N 
4  1 C8 A G 2 ? ? N9 A G 2 ? ? C4 A G 2 ? ? 103.48 106.40 -2.92 0.40 N 
5  1 N7 A G 3 ? ? C8 A G 3 ? ? N9 A G 3 ? ? 117.68 113.10 4.58  0.50 N 
6  1 C8 A G 3 ? ? N9 A G 3 ? ? C4 A G 3 ? ? 103.57 106.40 -2.83 0.40 N 
7  1 N7 A A 5 ? ? C8 A A 5 ? ? N9 A A 5 ? ? 117.53 113.80 3.73  0.50 N 
8  1 N7 A A 6 ? ? C8 A A 6 ? ? N9 A A 6 ? ? 117.47 113.80 3.67  0.50 N 
9  1 N7 A G 7 ? ? C8 A G 7 ? ? N9 A G 7 ? ? 117.50 113.10 4.40  0.50 N 
10 1 C8 A G 7 ? ? N9 A G 7 ? ? C4 A G 7 ? ? 103.68 106.40 -2.72 0.40 N 
# 
_pdbx_nmr_ensemble.entry_id                                      1R4H 
_pdbx_nmr_ensemble.conformers_calculated_total_number            10 
_pdbx_nmr_ensemble.conformers_submitted_total_number             1 
_pdbx_nmr_ensemble.conformer_selection_criteria                  
'structures with acceptable covalent geometry,structures with favorable non-bond energy' 
_pdbx_nmr_ensemble.average_constraints_per_residue               ? 
_pdbx_nmr_ensemble.average_constraint_violations_per_residue     ? 
_pdbx_nmr_ensemble.maximum_distance_constraint_violation         ? 
_pdbx_nmr_ensemble.average_distance_constraint_violation         ? 
_pdbx_nmr_ensemble.maximum_upper_distance_constraint_violation   ? 
_pdbx_nmr_ensemble.maximum_lower_distance_constraint_violation   ? 
_pdbx_nmr_ensemble.distance_constraint_violation_method          ? 
_pdbx_nmr_ensemble.maximum_torsion_angle_constraint_violation    ? 
_pdbx_nmr_ensemble.average_torsion_angle_constraint_violation    ? 
_pdbx_nmr_ensemble.torsion_angle_constraint_violation_method     ? 
# 
_pdbx_nmr_representative.entry_id             1R4H 
_pdbx_nmr_representative.conformer_id         1 
_pdbx_nmr_representative.selection_criteria   'minimized average structure' 
# 
_pdbx_nmr_sample_details.solution_id      1 
_pdbx_nmr_sample_details.contents         '10 mM phosphate, 10 mM KCL, 0.05 mM EDTA pH 6.8, 90% H2O, 10% D2O' 
_pdbx_nmr_sample_details.solvent_system   '90% H2O/10% D2O' 
# 
_pdbx_nmr_exptl_sample_conditions.conditions_id       1 
_pdbx_nmr_exptl_sample_conditions.temperature         298 
_pdbx_nmr_exptl_sample_conditions.pressure            ambient 
_pdbx_nmr_exptl_sample_conditions.pH                  6.8 
_pdbx_nmr_exptl_sample_conditions.ionic_strength      '10 mM KCl' 
_pdbx_nmr_exptl_sample_conditions.pressure_units      ? 
_pdbx_nmr_exptl_sample_conditions.temperature_units   K 
# 
loop_
_pdbx_nmr_exptl.experiment_id 
_pdbx_nmr_exptl.solution_id 
_pdbx_nmr_exptl.conditions_id 
_pdbx_nmr_exptl.type 
1 1 1 '2D NOESY' 
2 1 1 '2D TOCSY' 
3 1 1 DQF-COSY   
# 
_pdbx_nmr_details.entry_id   1R4H 
_pdbx_nmr_details.text       'This structure was determined using standard 2D homonuclear techniques.' 
# 
_pdbx_nmr_refine.entry_id           1R4H 
_pdbx_nmr_refine.method             
'distance geometry simulated annealing restrained molecular dynamics complete relaxation matrix' 
_pdbx_nmr_refine.details            ? 
_pdbx_nmr_refine.software_ordinal   1 
# 
loop_
_pdbx_nmr_software.name 
_pdbx_nmr_software.version 
_pdbx_nmr_software.classification 
_pdbx_nmr_software.authors 
_pdbx_nmr_software.ordinal 
X-PLOR 3.1 refinement      'BRUNGER, A' 1 
Felix  97  'data analysis' BIOSYM       2 
# 
loop_
_chem_comp_atom.comp_id 
_chem_comp_atom.atom_id 
_chem_comp_atom.type_symbol 
_chem_comp_atom.pdbx_aromatic_flag 
_chem_comp_atom.pdbx_stereo_config 
_chem_comp_atom.pdbx_ordinal 
A OP3    O N N 1   
A P      P N N 2   
A OP1    O N N 3   
A OP2    O N N 4   
A "O5'"  O N N 5   
A "C5'"  C N N 6   
A "C4'"  C N R 7   
A "O4'"  O N N 8   
A "C3'"  C N S 9   
A "O3'"  O N N 10  
A "C2'"  C N R 11  
A "O2'"  O N N 12  
A "C1'"  C N R 13  
A N9     N Y N 14  
A C8     C Y N 15  
A N7     N Y N 16  
A C5     C Y N 17  
A C6     C Y N 18  
A N6     N N N 19  
A N1     N Y N 20  
A C2     C Y N 21  
A N3     N Y N 22  
A C4     C Y N 23  
A HOP3   H N N 24  
A HOP2   H N N 25  
A "H5'"  H N N 26  
A "H5''" H N N 27  
A "H4'"  H N N 28  
A "H3'"  H N N 29  
A "HO3'" H N N 30  
A "H2'"  H N N 31  
A "HO2'" H N N 32  
A "H1'"  H N N 33  
A H8     H N N 34  
A H61    H N N 35  
A H62    H N N 36  
A H2     H N N 37  
C OP3    O N N 38  
C P      P N N 39  
C OP1    O N N 40  
C OP2    O N N 41  
C "O5'"  O N N 42  
C "C5'"  C N N 43  
C "C4'"  C N R 44  
C "O4'"  O N N 45  
C "C3'"  C N S 46  
C "O3'"  O N N 47  
C "C2'"  C N R 48  
C "O2'"  O N N 49  
C "C1'"  C N R 50  
C N1     N N N 51  
C C2     C N N 52  
C O2     O N N 53  
C N3     N N N 54  
C C4     C N N 55  
C N4     N N N 56  
C C5     C N N 57  
C C6     C N N 58  
C HOP3   H N N 59  
C HOP2   H N N 60  
C "H5'"  H N N 61  
C "H5''" H N N 62  
C "H4'"  H N N 63  
C "H3'"  H N N 64  
C "HO3'" H N N 65  
C "H2'"  H N N 66  
C "HO2'" H N N 67  
C "H1'"  H N N 68  
C H41    H N N 69  
C H42    H N N 70  
C H5     H N N 71  
C H6     H N N 72  
G OP3    O N N 73  
G P      P N N 74  
G OP1    O N N 75  
G OP2    O N N 76  
G "O5'"  O N N 77  
G "C5'"  C N N 78  
G "C4'"  C N R 79  
G "O4'"  O N N 80  
G "C3'"  C N S 81  
G "O3'"  O N N 82  
G "C2'"  C N R 83  
G "O2'"  O N N 84  
G "C1'"  C N R 85  
G N9     N Y N 86  
G C8     C Y N 87  
G N7     N Y N 88  
G C5     C Y N 89  
G C6     C N N 90  
G O6     O N N 91  
G N1     N N N 92  
G C2     C N N 93  
G N2     N N N 94  
G N3     N N N 95  
G C4     C Y N 96  
G HOP3   H N N 97  
G HOP2   H N N 98  
G "H5'"  H N N 99  
G "H5''" H N N 100 
G "H4'"  H N N 101 
G "H3'"  H N N 102 
G "HO3'" H N N 103 
G "H2'"  H N N 104 
G "HO2'" H N N 105 
G "H1'"  H N N 106 
G H8     H N N 107 
G H1     H N N 108 
G H21    H N N 109 
G H22    H N N 110 
# 
loop_
_chem_comp_bond.comp_id 
_chem_comp_bond.atom_id_1 
_chem_comp_bond.atom_id_2 
_chem_comp_bond.value_order 
_chem_comp_bond.pdbx_aromatic_flag 
_chem_comp_bond.pdbx_stereo_config 
_chem_comp_bond.pdbx_ordinal 
A OP3   P      sing N N 1   
A OP3   HOP3   sing N N 2   
A P     OP1    doub N N 3   
A P     OP2    sing N N 4   
A P     "O5'"  sing N N 5   
A OP2   HOP2   sing N N 6   
A "O5'" "C5'"  sing N N 7   
A "C5'" "C4'"  sing N N 8   
A "C5'" "H5'"  sing N N 9   
A "C5'" "H5''" sing N N 10  
A "C4'" "O4'"  sing N N 11  
A "C4'" "C3'"  sing N N 12  
A "C4'" "H4'"  sing N N 13  
A "O4'" "C1'"  sing N N 14  
A "C3'" "O3'"  sing N N 15  
A "C3'" "C2'"  sing N N 16  
A "C3'" "H3'"  sing N N 17  
A "O3'" "HO3'" sing N N 18  
A "C2'" "O2'"  sing N N 19  
A "C2'" "C1'"  sing N N 20  
A "C2'" "H2'"  sing N N 21  
A "O2'" "HO2'" sing N N 22  
A "C1'" N9     sing N N 23  
A "C1'" "H1'"  sing N N 24  
A N9    C8     sing Y N 25  
A N9    C4     sing Y N 26  
A C8    N7     doub Y N 27  
A C8    H8     sing N N 28  
A N7    C5     sing Y N 29  
A C5    C6     sing Y N 30  
A C5    C4     doub Y N 31  
A C6    N6     sing N N 32  
A C6    N1     doub Y N 33  
A N6    H61    sing N N 34  
A N6    H62    sing N N 35  
A N1    C2     sing Y N 36  
A C2    N3     doub Y N 37  
A C2    H2     sing N N 38  
A N3    C4     sing Y N 39  
C OP3   P      sing N N 40  
C OP3   HOP3   sing N N 41  
C P     OP1    doub N N 42  
C P     OP2    sing N N 43  
C P     "O5'"  sing N N 44  
C OP2   HOP2   sing N N 45  
C "O5'" "C5'"  sing N N 46  
C "C5'" "C4'"  sing N N 47  
C "C5'" "H5'"  sing N N 48  
C "C5'" "H5''" sing N N 49  
C "C4'" "O4'"  sing N N 50  
C "C4'" "C3'"  sing N N 51  
C "C4'" "H4'"  sing N N 52  
C "O4'" "C1'"  sing N N 53  
C "C3'" "O3'"  sing N N 54  
C "C3'" "C2'"  sing N N 55  
C "C3'" "H3'"  sing N N 56  
C "O3'" "HO3'" sing N N 57  
C "C2'" "O2'"  sing N N 58  
C "C2'" "C1'"  sing N N 59  
C "C2'" "H2'"  sing N N 60  
C "O2'" "HO2'" sing N N 61  
C "C1'" N1     sing N N 62  
C "C1'" "H1'"  sing N N 63  
C N1    C2     sing N N 64  
C N1    C6     sing N N 65  
C C2    O2     doub N N 66  
C C2    N3     sing N N 67  
C N3    C4     doub N N 68  
C C4    N4     sing N N 69  
C C4    C5     sing N N 70  
C N4    H41    sing N N 71  
C N4    H42    sing N N 72  
C C5    C6     doub N N 73  
C C5    H5     sing N N 74  
C C6    H6     sing N N 75  
G OP3   P      sing N N 76  
G OP3   HOP3   sing N N 77  
G P     OP1    doub N N 78  
G P     OP2    sing N N 79  
G P     "O5'"  sing N N 80  
G OP2   HOP2   sing N N 81  
G "O5'" "C5'"  sing N N 82  
G "C5'" "C4'"  sing N N 83  
G "C5'" "H5'"  sing N N 84  
G "C5'" "H5''" sing N N 85  
G "C4'" "O4'"  sing N N 86  
G "C4'" "C3'"  sing N N 87  
G "C4'" "H4'"  sing N N 88  
G "O4'" "C1'"  sing N N 89  
G "C3'" "O3'"  sing N N 90  
G "C3'" "C2'"  sing N N 91  
G "C3'" "H3'"  sing N N 92  
G "O3'" "HO3'" sing N N 93  
G "C2'" "O2'"  sing N N 94  
G "C2'" "C1'"  sing N N 95  
G "C2'" "H2'"  sing N N 96  
G "O2'" "HO2'" sing N N 97  
G "C1'" N9     sing N N 98  
G "C1'" "H1'"  sing N N 99  
G N9    C8     sing Y N 100 
G N9    C4     sing Y N 101 
G C8    N7     doub Y N 102 
G C8    H8     sing N N 103 
G N7    C5     sing Y N 104 
G C5    C6     sing N N 105 
G C5    C4     doub Y N 106 
G C6    O6     doub N N 107 
G C6    N1     sing N N 108 
G N1    C2     sing N N 109 
G N1    H1     sing N N 110 
G C2    N2     sing N N 111 
G C2    N3     doub N N 112 
G N2    H21    sing N N 113 
G N2    H22    sing N N 114 
G N3    C4     sing N N 115 
# 
loop_
_ndb_struct_conf_na.entry_id 
_ndb_struct_conf_na.feature 
1R4H 'double helix' 
1R4H 'hairpin loop' 
# 
loop_
_ndb_struct_na_base_pair.model_number 
_ndb_struct_na_base_pair.i_label_asym_id 
_ndb_struct_na_base_pair.i_label_comp_id 
_ndb_struct_na_base_pair.i_label_seq_id 
_ndb_struct_na_base_pair.i_symmetry 
_ndb_struct_na_base_pair.j_label_asym_id 
_ndb_struct_na_base_pair.j_label_comp_id 
_ndb_struct_na_base_pair.j_label_seq_id 
_ndb_struct_na_base_pair.j_symmetry 
_ndb_struct_na_base_pair.shear 
_ndb_struct_na_base_pair.stretch 
_ndb_struct_na_base_pair.stagger 
_ndb_struct_na_base_pair.buckle 
_ndb_struct_na_base_pair.propeller 
_ndb_struct_na_base_pair.opening 
_ndb_struct_na_base_pair.pair_number 
_ndb_struct_na_base_pair.pair_name 
_ndb_struct_na_base_pair.i_auth_asym_id 
_ndb_struct_na_base_pair.i_auth_seq_id 
_ndb_struct_na_base_pair.i_PDB_ins_code 
_ndb_struct_na_base_pair.j_auth_asym_id 
_ndb_struct_na_base_pair.j_auth_seq_id 
_ndb_struct_na_base_pair.j_PDB_ins_code 
_ndb_struct_na_base_pair.hbond_type_28 
_ndb_struct_na_base_pair.hbond_type_12 
1 A G 2 1_555 A C 9 1_555 -0.271 -0.145 -0.353 40.101 12.405 -6.493  1 A_G2:C9_A A 2 ? A 9 ? 19 1 
1 A G 3 1_555 A C 8 1_555 -0.201 0.278  1.031  46.809 22.121 -9.012  2 A_G3:C8_A A 3 ? A 8 ? 19 1 
1 A C 4 1_555 A G 7 1_555 0.283  -0.552 0.907  55.681 -3.665 -18.422 3 A_C4:G7_A A 4 ? A 7 ? 19 1 
# 
loop_
_ndb_struct_na_base_pair_step.model_number 
_ndb_struct_na_base_pair_step.i_label_asym_id_1 
_ndb_struct_na_base_pair_step.i_label_comp_id_1 
_ndb_struct_na_base_pair_step.i_label_seq_id_1 
_ndb_struct_na_base_pair_step.i_symmetry_1 
_ndb_struct_na_base_pair_step.j_label_asym_id_1 
_ndb_struct_na_base_pair_step.j_label_comp_id_1 
_ndb_struct_na_base_pair_step.j_label_seq_id_1 
_ndb_struct_na_base_pair_step.j_symmetry_1 
_ndb_struct_na_base_pair_step.i_label_asym_id_2 
_ndb_struct_na_base_pair_step.i_label_comp_id_2 
_ndb_struct_na_base_pair_step.i_label_seq_id_2 
_ndb_struct_na_base_pair_step.i_symmetry_2 
_ndb_struct_na_base_pair_step.j_label_asym_id_2 
_ndb_struct_na_base_pair_step.j_label_comp_id_2 
_ndb_struct_na_base_pair_step.j_label_seq_id_2 
_ndb_struct_na_base_pair_step.j_symmetry_2 
_ndb_struct_na_base_pair_step.shift 
_ndb_struct_na_base_pair_step.slide 
_ndb_struct_na_base_pair_step.rise 
_ndb_struct_na_base_pair_step.tilt 
_ndb_struct_na_base_pair_step.roll 
_ndb_struct_na_base_pair_step.twist 
_ndb_struct_na_base_pair_step.x_displacement 
_ndb_struct_na_base_pair_step.y_displacement 
_ndb_struct_na_base_pair_step.helical_rise 
_ndb_struct_na_base_pair_step.inclination 
_ndb_struct_na_base_pair_step.tip 
_ndb_struct_na_base_pair_step.helical_twist 
_ndb_struct_na_base_pair_step.step_number 
_ndb_struct_na_base_pair_step.step_name 
_ndb_struct_na_base_pair_step.i_auth_asym_id_1 
_ndb_struct_na_base_pair_step.i_auth_seq_id_1 
_ndb_struct_na_base_pair_step.i_PDB_ins_code_1 
_ndb_struct_na_base_pair_step.j_auth_asym_id_1 
_ndb_struct_na_base_pair_step.j_auth_seq_id_1 
_ndb_struct_na_base_pair_step.j_PDB_ins_code_1 
_ndb_struct_na_base_pair_step.i_auth_asym_id_2 
_ndb_struct_na_base_pair_step.i_auth_seq_id_2 
_ndb_struct_na_base_pair_step.i_PDB_ins_code_2 
_ndb_struct_na_base_pair_step.j_auth_asym_id_2 
_ndb_struct_na_base_pair_step.j_auth_seq_id_2 
_ndb_struct_na_base_pair_step.j_PDB_ins_code_2 
1 A G 2 1_555 A C 9 1_555 A G 3 1_555 A C 8 1_555 0.069  -0.624 3.670 -8.719 22.491 25.381 -4.673 -1.523 2.277 41.216 15.977  
34.878 1 AA_G2G3:C8C9_AA A 2 ? A 9 ? A 3 ? A 8 ? 
1 A G 3 1_555 A C 8 1_555 A C 4 1_555 A G 7 1_555 -0.878 -0.463 3.610 4.144  6.632  22.007 -3.547 3.673  3.123 16.709 -10.441 
23.339 2 AA_G3C4:G7C8_AA A 3 ? A 8 ? A 4 ? A 7 ? 
# 
loop_
_pdbx_nmr_spectrometer.spectrometer_id 
_pdbx_nmr_spectrometer.type 
_pdbx_nmr_spectrometer.manufacturer 
_pdbx_nmr_spectrometer.model 
_pdbx_nmr_spectrometer.field_strength 
1 ? Varian UNITYPLUS 750 
2 ? Varian UNITYPLUS 600 
# 
_atom_sites.entry_id                    1R4H 
_atom_sites.fract_transf_matrix[1][1]   1.000000 
_atom_sites.fract_transf_matrix[1][2]   0.000000 
_atom_sites.fract_transf_matrix[1][3]   0.000000 
_atom_sites.fract_transf_matrix[2][1]   0.000000 
_atom_sites.fract_transf_matrix[2][2]   1.000000 
_atom_sites.fract_transf_matrix[2][3]   0.000000 
_atom_sites.fract_transf_matrix[3][1]   0.000000 
_atom_sites.fract_transf_matrix[3][2]   0.000000 
_atom_sites.fract_transf_matrix[3][3]   1.000000 
_atom_sites.fract_transf_vector[1]      0.00000 
_atom_sites.fract_transf_vector[2]      0.00000 
_atom_sites.fract_transf_vector[3]      0.00000 
# 
loop_
_atom_type.symbol 
C 
H 
N 
O 
P 
# 
loop_
_atom_site.group_PDB 
_atom_site.id 
_atom_site.type_symbol 
_atom_site.label_atom_id 
_atom_site.label_alt_id 
_atom_site.label_comp_id 
_atom_site.label_asym_id 
_atom_site.label_entity_id 
_atom_site.label_seq_id 
_atom_site.pdbx_PDB_ins_code 
_atom_site.Cartn_x 
_atom_site.Cartn_y 
_atom_site.Cartn_z 
_atom_site.occupancy 
_atom_site.B_iso_or_equiv 
_atom_site.pdbx_formal_charge 
_atom_site.auth_seq_id 
_atom_site.auth_comp_id 
_atom_site.auth_asym_id 
_atom_site.auth_atom_id 
_atom_site.pdbx_PDB_model_num 
ATOM 1   O "O5'"  . G A 1 1  ? 10.469  5.504   1.626  1.00 0.00 ? 1  G A "O5'"  1 
ATOM 2   C "C5'"  . G A 1 1  ? 11.091  4.769   0.562  1.00 0.00 ? 1  G A "C5'"  1 
ATOM 3   C "C4'"  . G A 1 1  ? 10.091  4.317   -0.495 1.00 0.00 ? 1  G A "C4'"  1 
ATOM 4   O "O4'"  . G A 1 1  ? 10.278  2.936   -0.831 1.00 0.00 ? 1  G A "O4'"  1 
ATOM 5   C "C3'"  . G A 1 1  ? 8.660   4.420   0.018  1.00 0.00 ? 1  G A "C3'"  1 
ATOM 6   O "O3'"  . G A 1 1  ? 8.073   5.715   -0.204 1.00 0.00 ? 1  G A "O3'"  1 
ATOM 7   C "C2'"  . G A 1 1  ? 7.947   3.359   -0.805 1.00 0.00 ? 1  G A "C2'"  1 
ATOM 8   O "O2'"  . G A 1 1  ? 7.502   3.881   -2.061 1.00 0.00 ? 1  G A "O2'"  1 
ATOM 9   C "C1'"  . G A 1 1  ? 9.011   2.283   -1.004 1.00 0.00 ? 1  G A "C1'"  1 
ATOM 10  N N9     . G A 1 1  ? 8.848   1.142   -0.068 1.00 0.00 ? 1  G A N9     1 
ATOM 11  C C8     . G A 1 1  ? 8.319   1.093   1.185  1.00 0.00 ? 1  G A C8     1 
ATOM 12  N N7     . G A 1 1  ? 8.283   -0.056  1.774  1.00 0.00 ? 1  G A N7     1 
ATOM 13  C C5     . G A 1 1  ? 8.855   -0.892  0.810  1.00 0.00 ? 1  G A C5     1 
ATOM 14  C C6     . G A 1 1  ? 9.101   -2.292  0.848  1.00 0.00 ? 1  G A C6     1 
ATOM 15  O O6     . G A 1 1  ? 8.845   -3.089  1.751  1.00 0.00 ? 1  G A O6     1 
ATOM 16  N N1     . G A 1 1  ? 9.694   -2.737  -0.328 1.00 0.00 ? 1  G A N1     1 
ATOM 17  C C2     . G A 1 1  ? 10.009  -1.941  -1.411 1.00 0.00 ? 1  G A C2     1 
ATOM 18  N N2     . G A 1 1  ? 10.568  -2.557  -2.453 1.00 0.00 ? 1  G A N2     1 
ATOM 19  N N3     . G A 1 1  ? 9.781   -0.626  -1.454 1.00 0.00 ? 1  G A N3     1 
ATOM 20  C C4     . G A 1 1  ? 9.204   -0.166  -0.318 1.00 0.00 ? 1  G A C4     1 
ATOM 21  H "H5'"  . G A 1 1  ? 11.551  3.876   0.961  1.00 0.00 ? 1  G A "H5'"  1 
ATOM 22  H "H5''" . G A 1 1  ? 11.861  5.408   0.103  1.00 0.00 ? 1  G A "H5''" 1 
ATOM 23  H "H4'"  . G A 1 1  ? 10.206  4.924   -1.392 1.00 0.00 ? 1  G A "H4'"  1 
ATOM 24  H "H3'"  . G A 1 1  ? 8.626   4.159   1.079  1.00 0.00 ? 1  G A "H3'"  1 
ATOM 25  H "H2'"  . G A 1 1  ? 7.106   2.952   -0.239 1.00 0.00 ? 1  G A "H2'"  1 
ATOM 26  H "HO2'" . G A 1 1  ? 7.070   3.164   -2.531 1.00 0.00 ? 1  G A "HO2'" 1 
ATOM 27  H "H1'"  . G A 1 1  ? 8.944   1.913   -2.028 1.00 0.00 ? 1  G A "H1'"  1 
ATOM 28  H H8     . G A 1 1  ? 7.936   1.986   1.677  1.00 0.00 ? 1  G A H8     1 
ATOM 29  H H1     . G A 1 1  ? 9.907   -3.722  -0.371 1.00 0.00 ? 1  G A H1     1 
ATOM 30  H H21    . G A 1 1  ? 10.740  -3.553  -2.421 1.00 0.00 ? 1  G A H21    1 
ATOM 31  H H22    . G A 1 1  ? 10.820  -2.029  -3.277 1.00 0.00 ? 1  G A H22    1 
ATOM 32  H "HO5'" . G A 1 1  ? 11.168  5.947   2.114  1.00 0.00 ? 1  G A "HO5'" 1 
ATOM 33  P P      . G A 1 2  ? 8.171   6.452   -1.639 1.00 0.00 ? 2  G A P      1 
ATOM 34  O OP1    . G A 1 2  ? 9.404   5.991   -2.319 1.00 0.00 ? 2  G A OP1    1 
ATOM 35  O OP2    . G A 1 2  ? 7.943   7.900   -1.430 1.00 0.00 ? 2  G A OP2    1 
ATOM 36  O "O5'"  . G A 1 2  ? 6.902   5.853   -2.435 1.00 0.00 ? 2  G A "O5'"  1 
ATOM 37  C "C5'"  . G A 1 2  ? 6.974   5.598   -3.847 1.00 0.00 ? 2  G A "C5'"  1 
ATOM 38  C "C4'"  . G A 1 2  ? 5.743   4.869   -4.372 1.00 0.00 ? 2  G A "C4'"  1 
ATOM 39  O "O4'"  . G A 1 2  ? 5.869   3.450   -4.220 1.00 0.00 ? 2  G A "O4'"  1 
ATOM 40  C "C3'"  . G A 1 2  ? 4.496   5.246   -3.584 1.00 0.00 ? 2  G A "C3'"  1 
ATOM 41  O "O3'"  . G A 1 2  ? 3.902   6.434   -4.123 1.00 0.00 ? 2  G A "O3'"  1 
ATOM 42  C "C2'"  . G A 1 2  ? 3.621   4.019   -3.774 1.00 0.00 ? 2  G A "C2'"  1 
ATOM 43  O "O2'"  . G A 1 2  ? 2.869   4.101   -4.991 1.00 0.00 ? 2  G A "O2'"  1 
ATOM 44  C "C1'"  . G A 1 2  ? 4.619   2.868   -3.823 1.00 0.00 ? 2  G A "C1'"  1 
ATOM 45  N N9     . G A 1 2  ? 4.738   2.171   -2.517 1.00 0.00 ? 2  G A N9     1 
ATOM 46  C C8     . G A 1 2  ? 4.816   2.675   -1.256 1.00 0.00 ? 2  G A C8     1 
ATOM 47  N N7     . G A 1 2  ? 4.925   1.836   -0.282 1.00 0.00 ? 2  G A N7     1 
ATOM 48  C C5     . G A 1 2  ? 4.923   0.611   -0.955 1.00 0.00 ? 2  G A C5     1 
ATOM 49  C C6     . G A 1 2  ? 5.018   -0.709  -0.439 1.00 0.00 ? 2  G A C6     1 
ATOM 50  O O6     . G A 1 2  ? 5.127   -1.064  0.732  1.00 0.00 ? 2  G A O6     1 
ATOM 51  N N1     . G A 1 2  ? 4.977   -1.657  -1.454 1.00 0.00 ? 2  G A N1     1 
ATOM 52  C C2     . G A 1 2  ? 4.862   -1.376  -2.802 1.00 0.00 ? 2  G A C2     1 
ATOM 53  N N2     . G A 1 2  ? 4.847   -2.423  -3.626 1.00 0.00 ? 2  G A N2     1 
ATOM 54  N N3     . G A 1 2  ? 4.773   -0.135  -3.295 1.00 0.00 ? 2  G A N3     1 
ATOM 55  C C4     . G A 1 2  ? 4.809   0.807   -2.323 1.00 0.00 ? 2  G A C4     1 
ATOM 56  H "H5'"  . G A 1 2  ? 7.826   4.963   -4.054 1.00 0.00 ? 2  G A "H5'"  1 
ATOM 57  H "H5''" . G A 1 2  ? 7.095   6.559   -4.369 1.00 0.00 ? 2  G A "H5''" 1 
ATOM 58  H "H4'"  . G A 1 2  ? 5.598   5.107   -5.426 1.00 0.00 ? 2  G A "H4'"  1 
ATOM 59  H "H3'"  . G A 1 2  ? 4.740   5.375   -2.526 1.00 0.00 ? 2  G A "H3'"  1 
ATOM 60  H "H2'"  . G A 1 2  ? 2.954   3.901   -2.919 1.00 0.00 ? 2  G A "H2'"  1 
ATOM 61  H "HO2'" . G A 1 2  ? 2.239   3.377   -4.986 1.00 0.00 ? 2  G A "HO2'" 1 
ATOM 62  H "H1'"  . G A 1 2  ? 4.295   2.157   -4.580 1.00 0.00 ? 2  G A "H1'"  1 
ATOM 63  H H8     . G A 1 2  ? 4.798   3.749   -1.073 1.00 0.00 ? 2  G A H8     1 
ATOM 64  H H1     . G A 1 2  ? 5.035   -2.623  -1.160 1.00 0.00 ? 2  G A H1     1 
ATOM 65  H H21    . G A 1 2  ? 4.915   -3.360  -3.254 1.00 0.00 ? 2  G A H21    1 
ATOM 66  H H22    . G A 1 2  ? 4.767   -2.281  -4.623 1.00 0.00 ? 2  G A H22    1 
ATOM 67  P P      . G A 1 3  ? 3.029   7.417   -3.191 1.00 0.00 ? 3  G A P      1 
ATOM 68  O OP1    . G A 1 3  ? 3.561   8.790   -3.340 1.00 0.00 ? 3  G A OP1    1 
ATOM 69  O OP2    . G A 1 3  ? 2.922   6.810   -1.846 1.00 0.00 ? 3  G A OP2    1 
ATOM 70  O "O5'"  . G A 1 3  ? 1.577   7.360   -3.886 1.00 0.00 ? 3  G A "O5'"  1 
ATOM 71  C "C5'"  . G A 1 3  ? 1.382   6.656   -5.122 1.00 0.00 ? 3  G A "C5'"  1 
ATOM 72  C "C4'"  . G A 1 3  ? 0.192   5.708   -5.071 1.00 0.00 ? 3  G A "C4'"  1 
ATOM 73  O "O4'"  . G A 1 3  ? 0.606   4.357   -4.840 1.00 0.00 ? 3  G A "O4'"  1 
ATOM 74  C "C3'"  . G A 1 3  ? -0.741  6.055   -3.921 1.00 0.00 ? 3  G A "C3'"  1 
ATOM 75  O "O3'"  . G A 1 3  ? -1.600  7.089   -4.421 1.00 0.00 ? 3  G A "O3'"  1 
ATOM 76  C "C2'"  . G A 1 3  ? -1.407  4.719   -3.641 1.00 0.00 ? 3  G A "C2'"  1 
ATOM 77  O "O2'"  . G A 1 3  ? -2.548  4.518   -4.481 1.00 0.00 ? 3  G A "O2'"  1 
ATOM 78  C "C1'"  . G A 1 3  ? -0.311  3.705   -3.949 1.00 0.00 ? 3  G A "C1'"  1 
ATOM 79  N N9     . G A 1 3  ? 0.373   3.225   -2.725 1.00 0.00 ? 3  G A N9     1 
ATOM 80  C C8     . G A 1 3  ? 1.206   3.879   -1.878 1.00 0.00 ? 3  G A C8     1 
ATOM 81  N N7     . G A 1 3  ? 1.696   3.214   -0.886 1.00 0.00 ? 3  G A N7     1 
ATOM 82  C C5     . G A 1 3  ? 1.133   1.951   -1.081 1.00 0.00 ? 3  G A C5     1 
ATOM 83  C C6     . G A 1 3  ? 1.285   0.758   -0.321 1.00 0.00 ? 3  G A C6     1 
ATOM 84  O O6     . G A 1 3  ? 1.960   0.581   0.690  1.00 0.00 ? 3  G A O6     1 
ATOM 85  N N1     . G A 1 3  ? 0.545   -0.288  -0.860 1.00 0.00 ? 3  G A N1     1 
ATOM 86  C C2     . G A 1 3  ? -0.243  -0.204  -1.991 1.00 0.00 ? 3  G A C2     1 
ATOM 87  N N2     . G A 1 3  ? -0.877  -1.319  -2.356 1.00 0.00 ? 3  G A N2     1 
ATOM 88  N N3     . G A 1 3  ? -0.390  0.913   -2.711 1.00 0.00 ? 3  G A N3     1 
ATOM 89  C C4     . G A 1 3  ? 0.320   1.947   -2.204 1.00 0.00 ? 3  G A C4     1 
ATOM 90  H "H5'"  . G A 1 3  ? 2.255   6.054   -5.336 1.00 0.00 ? 3  G A "H5'"  1 
ATOM 91  H "H5''" . G A 1 3  ? 1.241   7.397   -5.925 1.00 0.00 ? 3  G A "H5''" 1 
ATOM 92  H "H4'"  . G A 1 3  ? -0.356  5.760   -6.013 1.00 0.00 ? 3  G A "H4'"  1 
ATOM 93  H "H3'"  . G A 1 3  ? -0.175  6.394   -3.050 1.00 0.00 ? 3  G A "H3'"  1 
ATOM 94  H "H2'"  . G A 1 3  ? -1.687  4.656   -2.588 1.00 0.00 ? 3  G A "H2'"  1 
ATOM 95  H "HO2'" . G A 1 3  ? -2.964  3.697   -4.208 1.00 0.00 ? 3  G A "HO2'" 1 
ATOM 96  H "H1'"  . G A 1 3  ? -0.762  2.858   -4.458 1.00 0.00 ? 3  G A "H1'"  1 
ATOM 97  H H8     . G A 1 3  ? 1.470   4.923   -2.040 1.00 0.00 ? 3  G A H8     1 
ATOM 98  H H1     . G A 1 3  ? 0.603   -1.171  -0.369 1.00 0.00 ? 3  G A H1     1 
ATOM 99  H H21    . G A 1 3  ? -0.767  -2.165  -1.814 1.00 0.00 ? 3  G A H21    1 
ATOM 100 H H22    . G A 1 3  ? -1.467  -1.319  -3.176 1.00 0.00 ? 3  G A H22    1 
ATOM 101 P P      . C A 1 4  ? -2.453  8.020   -3.423 1.00 0.00 ? 4  C A P      1 
ATOM 102 O OP1    . C A 1 4  ? -2.127  9.434   -3.719 1.00 0.00 ? 4  C A OP1    1 
ATOM 103 O OP2    . C A 1 4  ? -2.294  7.499   -2.047 1.00 0.00 ? 4  C A OP2    1 
ATOM 104 O "O5'"  . C A 1 4  ? -3.968  7.740   -3.899 1.00 0.00 ? 4  C A "O5'"  1 
ATOM 105 C "C5'"  . C A 1 4  ? -4.273  6.661   -4.793 1.00 0.00 ? 4  C A "C5'"  1 
ATOM 106 C "C4'"  . C A 1 4  ? -5.271  5.682   -4.173 1.00 0.00 ? 4  C A "C4'"  1 
ATOM 107 O "O4'"  . C A 1 4  ? -4.703  4.373   -3.984 1.00 0.00 ? 4  C A "O4'"  1 
ATOM 108 C "C3'"  . C A 1 4  ? -5.672  6.116   -2.772 1.00 0.00 ? 4  C A "C3'"  1 
ATOM 109 O "O3'"  . C A 1 4  ? -6.623  7.191   -2.731 1.00 0.00 ? 4  C A "O3'"  1 
ATOM 110 C "C2'"  . C A 1 4  ? -6.248  4.798   -2.286 1.00 0.00 ? 4  C A "C2'"  1 
ATOM 111 O "O2'"  . C A 1 4  ? -7.535  4.542   -2.860 1.00 0.00 ? 4  C A "O2'"  1 
ATOM 112 C "C1'"  . C A 1 4  ? -5.217  3.798   -2.770 1.00 0.00 ? 4  C A "C1'"  1 
ATOM 113 N N1     . C A 1 4  ? -4.157  3.595   -1.755 1.00 0.00 ? 4  C A N1     1 
ATOM 114 C C2     . C A 1 4  ? -4.001  2.318   -1.231 1.00 0.00 ? 4  C A C2     1 
ATOM 115 O O2     . C A 1 4  ? -4.642  1.376   -1.694 1.00 0.00 ? 4  C A O2     1 
ATOM 116 N N3     . C A 1 4  ? -3.117  2.145   -0.209 1.00 0.00 ? 4  C A N3     1 
ATOM 117 C C4     . C A 1 4  ? -2.419  3.178   0.278  1.00 0.00 ? 4  C A C4     1 
ATOM 118 N N4     . C A 1 4  ? -1.572  2.982   1.287  1.00 0.00 ? 4  C A N4     1 
ATOM 119 C C5     . C A 1 4  ? -2.573  4.488   -0.263 1.00 0.00 ? 4  C A C5     1 
ATOM 120 C C6     . C A 1 4  ? -3.436  4.649   -1.277 1.00 0.00 ? 4  C A C6     1 
ATOM 121 H "H5'"  . C A 1 4  ? -3.356  6.128   -5.038 1.00 0.00 ? 4  C A "H5'"  1 
ATOM 122 H "H5''" . C A 1 4  ? -4.700  7.072   -5.709 1.00 0.00 ? 4  C A "H5''" 1 
ATOM 123 H "H4'"  . C A 1 4  ? -6.155  5.606   -4.805 1.00 0.00 ? 4  C A "H4'"  1 
ATOM 124 H "H3'"  . C A 1 4  ? -4.775  6.364   -2.191 1.00 0.00 ? 4  C A "H3'"  1 
ATOM 125 H "H2'"  . C A 1 4  ? -6.295  4.777   -1.197 1.00 0.00 ? 4  C A "H2'"  1 
ATOM 126 H "HO2'" . C A 1 4  ? -8.062  5.337   -2.748 1.00 0.00 ? 4  C A "HO2'" 1 
ATOM 127 H "H1'"  . C A 1 4  ? -5.714  2.857   -2.972 1.00 0.00 ? 4  C A "H1'"  1 
ATOM 128 H H41    . C A 1 4  ? -1.457  2.060   1.676  1.00 0.00 ? 4  C A H41    1 
ATOM 129 H H42    . C A 1 4  ? -1.046  3.757   1.664  1.00 0.00 ? 4  C A H42    1 
ATOM 130 H H5     . C A 1 4  ? -2.065  5.342   0.176  1.00 0.00 ? 4  C A H5     1 
ATOM 131 H H6     . C A 1 4  ? -3.518  5.622   -1.760 1.00 0.00 ? 4  C A H6     1 
ATOM 132 P P      . A A 1 5  ? -6.386  8.452   -1.750 1.00 0.00 ? 5  A A P      1 
ATOM 133 O OP1    . A A 1 5  ? -7.707  8.962   -1.320 1.00 0.00 ? 5  A A OP1    1 
ATOM 134 O OP2    . A A 1 5  ? -5.419  9.368   -2.398 1.00 0.00 ? 5  A A OP2    1 
ATOM 135 O "O5'"  . A A 1 5  ? -5.663  7.775   -0.473 1.00 0.00 ? 5  A A "O5'"  1 
ATOM 136 C "C5'"  . A A 1 5  ? -5.302  8.557   0.674  1.00 0.00 ? 5  A A "C5'"  1 
ATOM 137 C "C4'"  . A A 1 5  ? -5.165  7.695   1.936  1.00 0.00 ? 5  A A "C4'"  1 
ATOM 138 O "O4'"  . A A 1 5  ? -6.412  7.098   2.300  1.00 0.00 ? 5  A A "O4'"  1 
ATOM 139 C "C3'"  . A A 1 5  ? -4.206  6.528   1.727  1.00 0.00 ? 5  A A "C3'"  1 
ATOM 140 O "O3'"  . A A 1 5  ? -3.493  6.026   2.876  1.00 0.00 ? 5  A A "O3'"  1 
ATOM 141 C "C2'"  . A A 1 5  ? -5.106  5.414   1.221  1.00 0.00 ? 5  A A "C2'"  1 
ATOM 142 O "O2'"  . A A 1 5  ? -4.609  4.129   1.611  1.00 0.00 ? 5  A A "O2'"  1 
ATOM 143 C "C1'"  . A A 1 5  ? -6.425  5.717   1.906  1.00 0.00 ? 5  A A "C1'"  1 
ATOM 144 N N9     . A A 1 5  ? -7.553  5.465   0.998  1.00 0.00 ? 5  A A N9     1 
ATOM 145 C C8     . A A 1 5  ? -7.818  6.018   -0.204 1.00 0.00 ? 5  A A C8     1 
ATOM 146 N N7     . A A 1 5  ? -8.901  5.649   -0.806 1.00 0.00 ? 5  A A N7     1 
ATOM 147 C C5     . A A 1 5  ? -9.427  4.727   0.108  1.00 0.00 ? 5  A A C5     1 
ATOM 148 C C6     . A A 1 5  ? -10.583 3.937   0.103  1.00 0.00 ? 5  A A C6     1 
ATOM 149 N N6     . A A 1 5  ? -11.470 3.944   -0.893 1.00 0.00 ? 5  A A N6     1 
ATOM 150 N N1     . A A 1 5  ? -10.789 3.139   1.168  1.00 0.00 ? 5  A A N1     1 
ATOM 151 C C2     . A A 1 5  ? -9.915  3.117   2.176  1.00 0.00 ? 5  A A C2     1 
ATOM 152 N N3     . A A 1 5  ? -8.795  3.823   2.281  1.00 0.00 ? 5  A A N3     1 
ATOM 153 C C4     . A A 1 5  ? -8.610  4.611   1.207  1.00 0.00 ? 5  A A C4     1 
ATOM 154 H "H5'"  . A A 1 5  ? -6.071  9.312   0.843  1.00 0.00 ? 5  A A "H5'"  1 
ATOM 155 H "H5''" . A A 1 5  ? -4.352  9.057   0.479  1.00 0.00 ? 5  A A "H5''" 1 
ATOM 156 H "H4'"  . A A 1 5  ? -4.811  8.313   2.762  1.00 0.00 ? 5  A A "H4'"  1 
ATOM 157 H "H3'"  . A A 1 5  ? -3.504  6.793   0.933  1.00 0.00 ? 5  A A "H3'"  1 
ATOM 158 H "H2'"  . A A 1 5  ? -5.220  5.470   0.145  1.00 0.00 ? 5  A A "H2'"  1 
ATOM 159 H "HO2'" . A A 1 5  ? -3.965  4.272   2.310  1.00 0.00 ? 5  A A "HO2'" 1 
ATOM 160 H "H1'"  . A A 1 5  ? -6.519  5.086   2.773  1.00 0.00 ? 5  A A "H1'"  1 
ATOM 161 H H8     . A A 1 5  ? -7.124  6.732   -0.657 1.00 0.00 ? 5  A A H8     1 
ATOM 162 H H61    . A A 1 5  ? -12.288 3.354   -0.845 1.00 0.00 ? 5  A A H61    1 
ATOM 163 H H62    . A A 1 5  ? -11.323 4.541   -1.694 1.00 0.00 ? 5  A A H62    1 
ATOM 164 H H2     . A A 1 5  ? -10.138 2.443   3.000  1.00 0.00 ? 5  A A H2     1 
ATOM 165 P P      . A A 1 6  ? -4.121  6.066   4.366  1.00 0.00 ? 6  A A P      1 
ATOM 166 O OP1    . A A 1 6  ? -5.087  7.184   4.438  1.00 0.00 ? 6  A A OP1    1 
ATOM 167 O OP2    . A A 1 6  ? -3.003  6.000   5.334  1.00 0.00 ? 6  A A OP2    1 
ATOM 168 O "O5'"  . A A 1 6  ? -4.941  4.676   4.455  1.00 0.00 ? 6  A A "O5'"  1 
ATOM 169 C "C5'"  . A A 1 6  ? -6.352  4.679   4.708  1.00 0.00 ? 6  A A "C5'"  1 
ATOM 170 C "C4'"  . A A 1 6  ? -6.807  3.460   5.514  1.00 0.00 ? 6  A A "C4'"  1 
ATOM 171 O "O4'"  . A A 1 6  ? -7.669  2.606   4.751  1.00 0.00 ? 6  A A "O4'"  1 
ATOM 172 C "C3'"  . A A 1 6  ? -5.646  2.571   5.941  1.00 0.00 ? 6  A A "C3'"  1 
ATOM 173 O "O3'"  . A A 1 6  ? -6.038  2.126   7.250  1.00 0.00 ? 6  A A "O3'"  1 
ATOM 174 C "C2'"  . A A 1 6  ? -5.528  1.581   4.800  1.00 0.00 ? 6  A A "C2'"  1 
ATOM 175 O "O2'"  . A A 1 6  ? -5.010  0.328   5.254  1.00 0.00 ? 6  A A "O2'"  1 
ATOM 176 C "C1'"  . A A 1 6  ? -6.961  1.437   4.301  1.00 0.00 ? 6  A A "C1'"  1 
ATOM 177 N N9     . A A 1 6  ? -6.975  1.348   2.829  1.00 0.00 ? 6  A A N9     1 
ATOM 178 C C8     . A A 1 6  ? -6.259  2.058   1.924  1.00 0.00 ? 6  A A C8     1 
ATOM 179 N N7     . A A 1 6  ? -6.439  1.783   0.674  1.00 0.00 ? 6  A A N7     1 
ATOM 180 C C5     . A A 1 6  ? -7.394  0.763   0.743  1.00 0.00 ? 6  A A C5     1 
ATOM 181 C C6     . A A 1 6  ? -8.042  0.002   -0.237 1.00 0.00 ? 6  A A C6     1 
ATOM 182 N N6     . A A 1 6  ? -7.818  0.154   -1.542 1.00 0.00 ? 6  A A N6     1 
ATOM 183 N N1     . A A 1 6  ? -8.927  -0.919  0.180  1.00 0.00 ? 6  A A N1     1 
ATOM 184 C C2     . A A 1 6  ? -9.164  -1.088  1.482  1.00 0.00 ? 6  A A C2     1 
ATOM 185 N N3     . A A 1 6  ? -8.610  -0.426  2.494  1.00 0.00 ? 6  A A N3     1 
ATOM 186 C C4     . A A 1 6  ? -7.726  0.492   2.052  1.00 0.00 ? 6  A A C4     1 
ATOM 187 H "H5'"  . A A 1 6  ? -6.882  4.686   3.757  1.00 0.00 ? 6  A A "H5'"  1 
ATOM 188 H "H5''" . A A 1 6  ? -6.610  5.583   5.262  1.00 0.00 ? 6  A A "H5''" 1 
ATOM 189 H "H4'"  . A A 1 6  ? -7.344  3.796   6.401  1.00 0.00 ? 6  A A "H4'"  1 
ATOM 190 H "H3'"  . A A 1 6  ? -4.733  3.164   5.986  1.00 0.00 ? 6  A A "H3'"  1 
ATOM 191 H "H2'"  . A A 1 6  ? -4.895  1.995   4.011  1.00 0.00 ? 6  A A "H2'"  1 
ATOM 192 H "HO2'" . A A 1 6  ? -5.732  -0.145  5.673  1.00 0.00 ? 6  A A "HO2'" 1 
ATOM 193 H "H1'"  . A A 1 6  ? -7.415  0.543   4.729  1.00 0.00 ? 6  A A "H1'"  1 
ATOM 194 H H8     . A A 1 6  ? -5.553  2.833   2.241  1.00 0.00 ? 6  A A H8     1 
ATOM 195 H H61    . A A 1 6  ? -8.313  -0.420  -2.210 1.00 0.00 ? 6  A A H61    1 
ATOM 196 H H62    . A A 1 6  ? -7.154  0.844   -1.865 1.00 0.00 ? 6  A A H62    1 
ATOM 197 H H2     . A A 1 6  ? -9.894  -1.854  1.747  1.00 0.00 ? 6  A A H2     1 
ATOM 198 P P      . G A 1 7  ? -5.371  0.831   7.944  1.00 0.00 ? 7  G A P      1 
ATOM 199 O OP1    . G A 1 7  ? -5.403  1.027   9.411  1.00 0.00 ? 7  G A OP1    1 
ATOM 200 O OP2    . G A 1 7  ? -4.085  0.546   7.268  1.00 0.00 ? 7  G A OP2    1 
ATOM 201 O "O5'"  . G A 1 7  ? -6.414  -0.339  7.570  1.00 0.00 ? 7  G A "O5'"  1 
ATOM 202 C "C5'"  . G A 1 7  ? -6.127  -1.712  7.881  1.00 0.00 ? 7  G A "C5'"  1 
ATOM 203 C "C4'"  . G A 1 7  ? -6.159  -2.601  6.643  1.00 0.00 ? 7  G A "C4'"  1 
ATOM 204 O "O4'"  . G A 1 7  ? -6.102  -1.816  5.446  1.00 0.00 ? 7  G A "O4'"  1 
ATOM 205 C "C3'"  . G A 1 7  ? -4.937  -3.513  6.585  1.00 0.00 ? 7  G A "C3'"  1 
ATOM 206 O "O3'"  . G A 1 7  ? -5.128  -4.774  7.243  1.00 0.00 ? 7  G A "O3'"  1 
ATOM 207 C "C2'"  . G A 1 7  ? -4.804  -3.759  5.094  1.00 0.00 ? 7  G A "C2'"  1 
ATOM 208 O "O2'"  . G A 1 7  ? -5.630  -4.850  4.670  1.00 0.00 ? 7  G A "O2'"  1 
ATOM 209 C "C1'"  . G A 1 7  ? -5.262  -2.450  4.469  1.00 0.00 ? 7  G A "C1'"  1 
ATOM 210 N N9     . G A 1 7  ? -4.127  -1.579  4.092  1.00 0.00 ? 7  G A N9     1 
ATOM 211 C C8     . G A 1 7  ? -3.294  -0.834  4.867  1.00 0.00 ? 7  G A C8     1 
ATOM 212 N N7     . G A 1 7  ? -2.384  -0.143  4.269  1.00 0.00 ? 7  G A N7     1 
ATOM 213 C C5     . G A 1 7  ? -2.625  -0.451  2.927  1.00 0.00 ? 7  G A C5     1 
ATOM 214 C C6     . G A 1 7  ? -1.958  -0.005  1.756  1.00 0.00 ? 7  G A C6     1 
ATOM 215 O O6     . G A 1 7  ? -0.989  0.743   1.672  1.00 0.00 ? 7  G A O6     1 
ATOM 216 N N1     . G A 1 7  ? -2.519  -0.550  0.609  1.00 0.00 ? 7  G A N1     1 
ATOM 217 C C2     . G A 1 7  ? -3.588  -1.422  0.584  1.00 0.00 ? 7  G A C2     1 
ATOM 218 N N2     . G A 1 7  ? -3.981  -1.842  -0.618 1.00 0.00 ? 7  G A N2     1 
ATOM 219 N N3     . G A 1 7  ? -4.218  -1.850  1.680  1.00 0.00 ? 7  G A N3     1 
ATOM 220 C C4     . G A 1 7  ? -3.691  -1.329  2.811  1.00 0.00 ? 7  G A C4     1 
ATOM 221 H "H5'"  . G A 1 7  ? -6.876  -2.092  8.561  1.00 0.00 ? 7  G A "H5'"  1 
ATOM 222 H "H5''" . G A 1 7  ? -5.136  -1.762  8.359  1.00 0.00 ? 7  G A "H5''" 1 
ATOM 223 H "H4'"  . G A 1 7  ? -7.070  -3.201  6.642  1.00 0.00 ? 7  G A "H4'"  1 
ATOM 224 H "H3'"  . G A 1 7  ? -4.052  -2.998  6.966  1.00 0.00 ? 7  G A "H3'"  1 
ATOM 225 H "H2'"  . G A 1 7  ? -3.761  -3.946  4.842  1.00 0.00 ? 7  G A "H2'"  1 
ATOM 226 H "HO2'" . G A 1 7  ? -6.541  -4.608  4.856  1.00 0.00 ? 7  G A "HO2'" 1 
ATOM 227 H "H1'"  . G A 1 7  ? -5.843  -2.676  3.579  1.00 0.00 ? 7  G A "H1'"  1 
ATOM 228 H H8     . G A 1 7  ? -3.407  -0.799  5.952  1.00 0.00 ? 7  G A H8     1 
ATOM 229 H H1     . G A 1 7  ? -2.101  -0.267  -0.265 1.00 0.00 ? 7  G A H1     1 
ATOM 230 H H21    . G A 1 7  ? -3.510  -1.509  -1.448 1.00 0.00 ? 7  G A H21    1 
ATOM 231 H H22    . G A 1 7  ? -4.754  -2.487  -0.700 1.00 0.00 ? 7  G A H22    1 
ATOM 232 P P      . C A 1 8  ? -4.127  -6.012  6.973  1.00 0.00 ? 8  C A P      1 
ATOM 233 O OP1    . C A 1 8  ? -4.776  -7.246  7.468  1.00 0.00 ? 8  C A OP1    1 
ATOM 234 O OP2    . C A 1 8  ? -2.785  -5.636  7.470  1.00 0.00 ? 8  C A OP2    1 
ATOM 235 O "O5'"  . C A 1 8  ? -4.065  -6.088  5.359  1.00 0.00 ? 8  C A "O5'"  1 
ATOM 236 C "C5'"  . C A 1 8  ? -3.151  -6.980  4.708  1.00 0.00 ? 8  C A "C5'"  1 
ATOM 237 C "C4'"  . C A 1 8  ? -3.184  -6.837  3.181  1.00 0.00 ? 8  C A "C4'"  1 
ATOM 238 O "O4'"  . C A 1 8  ? -3.323  -5.467  2.773  1.00 0.00 ? 8  C A "O4'"  1 
ATOM 239 C "C3'"  . C A 1 8  ? -1.866  -7.287  2.562  1.00 0.00 ? 8  C A "C3'"  1 
ATOM 240 O "O3'"  . C A 1 8  ? -1.866  -8.702  2.320  1.00 0.00 ? 8  C A "O3'"  1 
ATOM 241 C "C2'"  . C A 1 8  ? -1.828  -6.496  1.267  1.00 0.00 ? 8  C A "C2'"  1 
ATOM 242 O "O2'"  . C A 1 8  ? -2.544  -7.170  0.224  1.00 0.00 ? 8  C A "O2'"  1 
ATOM 243 C "C1'"  . C A 1 8  ? -2.497  -5.177  1.631  1.00 0.00 ? 8  C A "C1'"  1 
ATOM 244 N N1     . C A 1 8  ? -1.509  -4.123  1.952  1.00 0.00 ? 8  C A N1     1 
ATOM 245 C C2     . C A 1 8  ? -0.730  -3.624  0.917  1.00 0.00 ? 8  C A C2     1 
ATOM 246 O O2     . C A 1 8  ? -0.868  -4.057  -0.225 1.00 0.00 ? 8  C A O2     1 
ATOM 247 N N3     . C A 1 8  ? 0.178   -2.649  1.205  1.00 0.00 ? 8  C A N3     1 
ATOM 248 C C4     . C A 1 8  ? 0.315   -2.186  2.456  1.00 0.00 ? 8  C A C4     1 
ATOM 249 N N4     . C A 1 8  ? 1.216   -1.235  2.707  1.00 0.00 ? 8  C A N4     1 
ATOM 250 C C5     . C A 1 8  ? -0.490  -2.697  3.522  1.00 0.00 ? 8  C A C5     1 
ATOM 251 C C6     . C A 1 8  ? -1.384  -3.656  3.226  1.00 0.00 ? 8  C A C6     1 
ATOM 252 H "H5'"  . C A 1 8  ? -3.411  -8.007  4.972  1.00 0.00 ? 8  C A "H5'"  1 
ATOM 253 H "H5''" . C A 1 8  ? -2.142  -6.770  5.063  1.00 0.00 ? 8  C A "H5''" 1 
ATOM 254 H "H4'"  . C A 1 8  ? -4.006  -7.425  2.772  1.00 0.00 ? 8  C A "H4'"  1 
ATOM 255 H "H3'"  . C A 1 8  ? -1.028  -6.999  3.203  1.00 0.00 ? 8  C A "H3'"  1 
ATOM 256 H "H2'"  . C A 1 8  ? -0.798  -6.319  0.970  1.00 0.00 ? 8  C A "H2'"  1 
ATOM 257 H "HO2'" . C A 1 8  ? -2.391  -6.682  -0.588 1.00 0.00 ? 8  C A "HO2'" 1 
ATOM 258 H "H1'"  . C A 1 8  ? -3.111  -4.850  0.799  1.00 0.00 ? 8  C A "H1'"  1 
ATOM 259 H H41    . C A 1 8  ? 1.787   -0.871  1.958  1.00 0.00 ? 8  C A H41    1 
ATOM 260 H H42    . C A 1 8  ? 1.328   -0.881  3.646  1.00 0.00 ? 8  C A H42    1 
ATOM 261 H H5     . C A 1 8  ? -0.387  -2.321  4.537  1.00 0.00 ? 8  C A H5     1 
ATOM 262 H H6     . C A 1 8  ? -2.035  -4.046  4.007  1.00 0.00 ? 8  C A H6     1 
ATOM 263 P P      . C A 1 9  ? -0.486  -9.504  2.089  1.00 0.00 ? 9  C A P      1 
ATOM 264 O OP1    . C A 1 9  ? -0.736  -10.939 2.353  1.00 0.00 ? 9  C A OP1    1 
ATOM 265 O OP2    . C A 1 9  ? 0.591   -8.797  2.818  1.00 0.00 ? 9  C A OP2    1 
ATOM 266 O "O5'"  . C A 1 9  ? -0.231  -9.320  0.507  1.00 0.00 ? 9  C A "O5'"  1 
ATOM 267 C "C5'"  . C A 1 9  ? 0.974   -9.797  -0.102 1.00 0.00 ? 9  C A "C5'"  1 
ATOM 268 C "C4'"  . C A 1 9  ? 1.276   -9.056  -1.408 1.00 0.00 ? 9  C A "C4'"  1 
ATOM 269 O "O4'"  . C A 1 9  ? 0.751   -7.725  -1.384 1.00 0.00 ? 9  C A "O4'"  1 
ATOM 270 C "C3'"  . C A 1 9  ? 2.776   -8.876  -1.617 1.00 0.00 ? 9  C A "C3'"  1 
ATOM 271 O "O3'"  . C A 1 9  ? 3.337   -10.026 -2.265 1.00 0.00 ? 9  C A "O3'"  1 
ATOM 272 C "C2'"  . C A 1 9  ? 2.832   -7.637  -2.494 1.00 0.00 ? 9  C A "C2'"  1 
ATOM 273 O "O2'"  . C A 1 9  ? 2.653   -7.966  -3.877 1.00 0.00 ? 9  C A "O2'"  1 
ATOM 274 C "C1'"  . C A 1 9  ? 1.673   -6.793  -1.969 1.00 0.00 ? 9  C A "C1'"  1 
ATOM 275 N N1     . C A 1 9  ? 2.127   -5.806  -0.966 1.00 0.00 ? 9  C A N1     1 
ATOM 276 C C2     . C A 1 9  ? 2.981   -4.795  -1.386 1.00 0.00 ? 9  C A C2     1 
ATOM 277 O O2     . C A 1 9  ? 3.369   -4.759  -2.552 1.00 0.00 ? 9  C A O2     1 
ATOM 278 N N3     . C A 1 9  ? 3.368   -3.859  -0.475 1.00 0.00 ? 9  C A N3     1 
ATOM 279 C C4     . C A 1 9  ? 2.932   -3.910  0.792  1.00 0.00 ? 9  C A C4     1 
ATOM 280 N N4     . C A 1 9  ? 3.332   -2.980  1.659  1.00 0.00 ? 9  C A N4     1 
ATOM 281 C C5     . C A 1 9  ? 2.048   -4.952  1.225  1.00 0.00 ? 9  C A C5     1 
ATOM 282 C C6     . C A 1 9  ? 1.682   -5.872  0.320  1.00 0.00 ? 9  C A C6     1 
ATOM 283 H "H5'"  . C A 1 9  ? 0.870   -10.862 -0.313 1.00 0.00 ? 9  C A "H5'"  1 
ATOM 284 H "H5''" . C A 1 9  ? 1.804   -9.652  0.591  1.00 0.00 ? 9  C A "H5''" 1 
ATOM 285 H "H4'"  . C A 1 9  ? 0.846   -9.599  -2.247 1.00 0.00 ? 9  C A "H4'"  1 
ATOM 286 H "H3'"  . C A 1 9  ? 3.272   -8.681  -0.662 1.00 0.00 ? 9  C A "H3'"  1 
ATOM 287 H "H2'"  . C A 1 9  ? 3.779   -7.113  -2.340 1.00 0.00 ? 9  C A "H2'"  1 
ATOM 288 H "HO2'" . C A 1 9  ? 3.242   -7.402  -4.383 1.00 0.00 ? 9  C A "HO2'" 1 
ATOM 289 H "H1'"  . C A 1 9  ? 1.189   -6.275  -2.796 1.00 0.00 ? 9  C A "H1'"  1 
ATOM 290 H H41    . C A 1 9  ? 3.954   -2.243  1.358  1.00 0.00 ? 9  C A H41    1 
ATOM 291 H H42    . C A 1 9  ? 3.011   -3.010  2.616  1.00 0.00 ? 9  C A H42    1 
ATOM 292 H H5     . C A 1 9  ? 1.649   -4.973  2.239  1.00 0.00 ? 9  C A H5     1 
ATOM 293 H H6     . C A 1 9  ? 1.041   -6.696  0.625  1.00 0.00 ? 9  C A H6     1 
ATOM 294 P P      . C A 1 10 ? 4.750   -10.634 -1.785 1.00 0.00 ? 10 C A P      1 
ATOM 295 O OP1    . C A 1 10 ? 4.829   -12.039 -2.242 1.00 0.00 ? 10 C A OP1    1 
ATOM 296 O OP2    . C A 1 10 ? 4.932   -10.314 -0.351 1.00 0.00 ? 10 C A OP2    1 
ATOM 297 O "O5'"  . C A 1 10 ? 5.812   -9.767  -2.632 1.00 0.00 ? 10 C A "O5'"  1 
ATOM 298 C "C5'"  . C A 1 10 ? 5.709   -9.673  -4.058 1.00 0.00 ? 10 C A "C5'"  1 
ATOM 299 C "C4'"  . C A 1 10 ? 6.730   -8.691  -4.632 1.00 0.00 ? 10 C A "C4'"  1 
ATOM 300 O "O4'"  . C A 1 10 ? 6.514   -7.363  -4.139 1.00 0.00 ? 10 C A "O4'"  1 
ATOM 301 C "C3'"  . C A 1 10 ? 8.146   -9.046  -4.197 1.00 0.00 ? 10 C A "C3'"  1 
ATOM 302 O "O3'"  . C A 1 10 ? 8.743   -10.001 -5.084 1.00 0.00 ? 10 C A "O3'"  1 
ATOM 303 C "C2'"  . C A 1 10 ? 8.850   -7.702  -4.268 1.00 0.00 ? 10 C A "C2'"  1 
ATOM 304 O "O2'"  . C A 1 10 ? 9.329   -7.435  -5.592 1.00 0.00 ? 10 C A "O2'"  1 
ATOM 305 C "C1'"  . C A 1 10 ? 7.762   -6.709  -3.861 1.00 0.00 ? 10 C A "C1'"  1 
ATOM 306 N N1     . C A 1 10 ? 7.866   -6.341  -2.429 1.00 0.00 ? 10 C A N1     1 
ATOM 307 C C2     . C A 1 10 ? 9.134   -6.084  -1.924 1.00 0.00 ? 10 C A C2     1 
ATOM 308 O O2     . C A 1 10 ? 10.121  -6.171  -2.653 1.00 0.00 ? 10 C A O2     1 
ATOM 309 N N3     . C A 1 10 ? 9.249   -5.728  -0.615 1.00 0.00 ? 10 C A N3     1 
ATOM 310 C C4     . C A 1 10 ? 8.169   -5.624  0.169  1.00 0.00 ? 10 C A C4     1 
ATOM 311 N N4     . C A 1 10 ? 8.325   -5.237  1.436  1.00 0.00 ? 10 C A N4     1 
ATOM 312 C C5     . C A 1 10 ? 6.858   -5.888  -0.344 1.00 0.00 ? 10 C A C5     1 
ATOM 313 C C6     . C A 1 10 ? 6.753   -6.243  -1.641 1.00 0.00 ? 10 C A C6     1 
ATOM 314 H "H5'"  . C A 1 10 ? 4.706   -9.335  -4.320 1.00 0.00 ? 10 C A "H5'"  1 
ATOM 315 H "H5''" . C A 1 10 ? 5.878   -10.659 -4.493 1.00 0.00 ? 10 C A "H5''" 1 
ATOM 316 H "H4'"  . C A 1 10 ? 6.667   -8.688  -5.721 1.00 0.00 ? 10 C A "H4'"  1 
ATOM 317 H "H3'"  . C A 1 10 ? 8.143   -9.416  -3.168 1.00 0.00 ? 10 C A "H3'"  1 
ATOM 318 H "HO3'" . C A 1 10 ? 8.805   -9.588  -5.950 1.00 0.00 ? 10 C A "HO3'" 1 
ATOM 319 H "H2'"  . C A 1 10 ? 9.672   -7.674  -3.548 1.00 0.00 ? 10 C A "H2'"  1 
ATOM 320 H "HO2'" . C A 1 10 ? 9.955   -6.709  -5.527 1.00 0.00 ? 10 C A "HO2'" 1 
ATOM 321 H "H1'"  . C A 1 10 ? 7.844   -5.811  -4.476 1.00 0.00 ? 10 C A "H1'"  1 
ATOM 322 H H41    . C A 1 10 ? 9.250   -5.054  1.797  1.00 0.00 ? 10 C A H41    1 
ATOM 323 H H42    . C A 1 10 ? 7.519   -5.112  2.029  1.00 0.00 ? 10 C A H42    1 
ATOM 324 H H5     . C A 1 10 ? 5.978   -5.806  0.293  1.00 0.00 ? 10 C A H5     1 
ATOM 325 H H6     . C A 1 10 ? 5.767   -6.454  -2.064 1.00 0.00 ? 10 C A H6     1 
# 
